data_5Y8H
#
_entry.id   5Y8H
#
_cell.length_a   129.430
_cell.length_b   129.430
_cell.length_c   70.490
_cell.angle_alpha   90.00
_cell.angle_beta   90.00
_cell.angle_gamma   120.00
#
_symmetry.space_group_name_H-M   'P 65'
#
loop_
_entity.id
_entity.type
_entity.pdbx_description
1 polymer 'Probable 3-hydroxyisobutyrate dehydrogenase'
2 non-polymer NICOTINAMIDE-ADENINE-DINUCLEOTIDE
3 non-polymer 'ACRYLIC ACID'
4 non-polymer 'MAGNESIUM ION'
5 non-polymer GLYCEROL
6 non-polymer '(2~{S})-2-methylpentanedioic acid'
7 water water
#
_entity_poly.entity_id   1
_entity_poly.type   'polypeptide(L)'
_entity_poly.pdbx_seq_one_letter_code
;MMTTIAFLGLGNMGAPMSANLVGAGHVVRGFDPAPTAASGAAAHGVAVFRSAPEAVAEADVVITMLPTGEVVRRCYTDVL
AAARPATLFIDSSTISVTDAREVHALAESHGMLQLDAPVSGGVKGAAAATLAFMVGGDESTLRRARPVLEPMAGKIIHCG
AAGAGQAAKVCNNMVLAVQQIAIAEAFVLAEKLGLSAQSLFDVITGATGNCWAVHTNCPVPGPVPTSPANNDFKPGFSTA
LMNKDLGLAMDAVAATGATAPLGSHAADIYAKFAADHADLDFSAVIHTLRARADA
;
_entity_poly.pdbx_strand_id   A,B
#
# COMPACT_ATOMS: atom_id res chain seq x y z
C MET A 2 35.76 -4.16 24.27
N THR A 3 34.68 -4.38 23.52
CA THR A 3 33.34 -4.22 24.07
C THR A 3 32.73 -5.55 24.60
N THR A 4 32.43 -5.55 25.90
CA THR A 4 31.68 -6.63 26.54
C THR A 4 30.17 -6.37 26.55
N ILE A 5 29.41 -7.36 26.11
CA ILE A 5 27.96 -7.18 25.86
C ILE A 5 27.19 -8.24 26.65
N ALA A 6 26.26 -7.80 27.50
CA ALA A 6 25.32 -8.74 28.17
C ALA A 6 24.09 -8.88 27.28
N PHE A 7 23.75 -10.11 26.87
CA PHE A 7 22.63 -10.36 25.99
C PHE A 7 21.59 -11.15 26.76
N LEU A 8 20.50 -10.46 27.09
CA LEU A 8 19.42 -11.03 27.90
C LEU A 8 18.24 -11.34 26.98
N GLY A 9 17.97 -12.63 26.81
CA GLY A 9 16.98 -13.11 25.87
C GLY A 9 17.69 -13.65 24.64
N LEU A 10 17.75 -14.97 24.58
CA LEU A 10 18.57 -15.70 23.63
C LEU A 10 17.69 -16.67 22.88
N GLY A 11 16.51 -16.18 22.50
CA GLY A 11 15.50 -16.98 21.84
C GLY A 11 15.71 -16.95 20.34
N ASN A 12 14.62 -17.05 19.59
CA ASN A 12 14.67 -17.21 18.16
C ASN A 12 15.43 -16.07 17.47
N MET A 13 15.30 -14.85 18.01
CA MET A 13 15.99 -13.66 17.50
C MET A 13 17.31 -13.45 18.25
N GLY A 14 17.29 -13.55 19.57
CA GLY A 14 18.45 -13.23 20.42
C GLY A 14 19.64 -14.14 20.13
N ALA A 15 19.39 -15.44 19.95
CA ALA A 15 20.45 -16.40 19.69
C ALA A 15 21.30 -16.05 18.43
N PRO A 16 20.68 -15.88 17.26
CA PRO A 16 21.47 -15.52 16.11
C PRO A 16 22.09 -14.12 16.16
N MET A 17 21.41 -13.17 16.80
CA MET A 17 21.99 -11.84 16.94
C MET A 17 23.24 -11.95 17.79
N SER A 18 23.16 -12.67 18.90
CA SER A 18 24.31 -12.81 19.77
C SER A 18 25.46 -13.57 19.10
N ALA A 19 25.18 -14.54 18.25
CA ALA A 19 26.23 -15.24 17.54
C ALA A 19 26.96 -14.30 16.52
N ASN A 20 26.21 -13.36 15.90
CA ASN A 20 26.83 -12.34 15.10
C ASN A 20 27.75 -11.42 15.91
N LEU A 21 27.35 -11.03 17.12
CA LEU A 21 28.22 -10.23 17.97
C LEU A 21 29.52 -10.98 18.30
N VAL A 22 29.42 -12.25 18.67
CA VAL A 22 30.58 -13.07 18.93
C VAL A 22 31.45 -13.09 17.68
N GLY A 23 30.79 -13.25 16.52
CA GLY A 23 31.47 -13.34 15.22
C GLY A 23 32.20 -12.06 14.86
N ALA A 24 31.77 -10.93 15.42
CA ALA A 24 32.45 -9.67 15.25
C ALA A 24 33.51 -9.32 16.31
N GLY A 25 33.91 -10.24 17.15
CA GLY A 25 34.97 -9.99 18.10
C GLY A 25 34.55 -9.45 19.43
N HIS A 26 33.26 -9.45 19.74
CA HIS A 26 32.79 -8.99 21.06
C HIS A 26 32.79 -10.13 22.03
N VAL A 27 32.92 -9.77 23.30
CA VAL A 27 32.80 -10.72 24.40
C VAL A 27 31.34 -10.67 24.78
N VAL A 28 30.66 -11.79 24.63
CA VAL A 28 29.20 -11.80 24.83
C VAL A 28 28.89 -12.65 26.01
N ARG A 29 28.21 -12.03 27.01
CA ARG A 29 27.68 -12.71 28.19
C ARG A 29 26.17 -12.79 28.07
N GLY A 30 25.58 -13.89 28.49
CA GLY A 30 24.22 -14.19 28.17
C GLY A 30 23.41 -14.72 29.34
N PHE A 31 22.09 -14.55 29.24
CA PHE A 31 21.12 -15.17 30.16
C PHE A 31 19.79 -15.42 29.41
N ASP A 32 19.23 -16.60 29.67
CA ASP A 32 17.90 -16.93 29.19
C ASP A 32 17.45 -17.97 30.17
N PRO A 33 16.22 -17.88 30.66
CA PRO A 33 15.74 -18.95 31.58
C PRO A 33 15.31 -20.28 30.89
N ALA A 34 15.34 -20.38 29.54
CA ALA A 34 15.15 -21.67 28.86
C ALA A 34 16.49 -22.34 28.62
N PRO A 35 16.80 -23.45 29.30
CA PRO A 35 18.07 -24.17 29.08
C PRO A 35 18.48 -24.45 27.65
N THR A 36 17.55 -24.86 26.79
CA THR A 36 17.86 -25.09 25.38
C THR A 36 18.35 -23.79 24.67
N ALA A 37 17.74 -22.63 24.99
CA ALA A 37 18.19 -21.36 24.43
C ALA A 37 19.60 -21.03 24.90
N ALA A 38 19.80 -21.10 26.20
CA ALA A 38 21.06 -20.82 26.81
C ALA A 38 22.17 -21.73 26.19
N SER A 39 21.94 -23.04 26.24
CA SER A 39 22.98 -23.99 25.88
C SER A 39 23.30 -23.88 24.39
N GLY A 40 22.29 -23.65 23.57
CA GLY A 40 22.50 -23.33 22.18
C GLY A 40 23.37 -22.09 21.95
N ALA A 41 23.13 -21.04 22.76
CA ALA A 41 23.92 -19.82 22.68
C ALA A 41 25.35 -20.04 23.20
N ALA A 42 25.52 -20.82 24.25
CA ALA A 42 26.88 -21.19 24.72
C ALA A 42 27.66 -21.96 23.70
N ALA A 43 26.96 -22.72 22.84
CA ALA A 43 27.60 -23.46 21.74
C ALA A 43 28.14 -22.57 20.62
N HIS A 44 27.67 -21.32 20.51
CA HIS A 44 28.28 -20.41 19.54
C HIS A 44 29.10 -19.30 20.20
N GLY A 45 29.49 -19.49 21.46
CA GLY A 45 30.50 -18.62 22.06
C GLY A 45 30.07 -17.67 23.17
N VAL A 46 28.77 -17.67 23.49
CA VAL A 46 28.27 -16.84 24.57
C VAL A 46 28.58 -17.47 25.94
N ALA A 47 29.13 -16.68 26.85
CA ALA A 47 29.32 -17.11 28.20
C ALA A 47 27.97 -16.93 28.96
N VAL A 48 27.31 -18.04 29.23
CA VAL A 48 25.97 -18.07 29.75
C VAL A 48 26.09 -17.98 31.26
N PHE A 49 25.28 -17.15 31.89
CA PHE A 49 25.22 -17.04 33.36
C PHE A 49 23.89 -17.52 33.90
N ARG A 50 23.82 -17.73 35.20
CA ARG A 50 22.62 -18.31 35.84
C ARG A 50 21.58 -17.24 36.17
N SER A 51 21.94 -15.95 36.18
CA SER A 51 20.98 -14.87 36.44
C SER A 51 21.32 -13.67 35.58
N ALA A 52 20.30 -12.89 35.23
CA ALA A 52 20.55 -11.69 34.43
C ALA A 52 21.52 -10.68 35.14
N PRO A 53 21.38 -10.46 36.47
CA PRO A 53 22.32 -9.54 37.15
C PRO A 53 23.78 -9.97 37.00
N GLU A 54 24.03 -11.28 37.01
CA GLU A 54 25.35 -11.83 36.77
C GLU A 54 25.88 -11.50 35.38
N ALA A 55 25.09 -11.78 34.36
CA ALA A 55 25.52 -11.47 32.99
C ALA A 55 25.91 -9.98 32.87
N VAL A 56 25.07 -9.09 33.42
CA VAL A 56 25.25 -7.66 33.31
C VAL A 56 26.50 -7.10 34.02
N ALA A 57 26.93 -7.74 35.12
CA ALA A 57 28.04 -7.25 35.99
C ALA A 57 29.27 -6.60 35.30
N GLU A 58 29.78 -7.28 34.27
CA GLU A 58 31.01 -6.84 33.59
C GLU A 58 30.77 -6.18 32.24
N ALA A 59 29.55 -5.74 31.98
CA ALA A 59 29.12 -5.39 30.60
C ALA A 59 29.23 -3.91 30.31
N ASP A 60 29.75 -3.58 29.12
CA ASP A 60 29.69 -2.18 28.63
C ASP A 60 28.32 -1.88 27.95
N VAL A 61 27.71 -2.92 27.39
CA VAL A 61 26.40 -2.78 26.69
C VAL A 61 25.51 -3.93 27.19
N VAL A 62 24.23 -3.65 27.38
CA VAL A 62 23.22 -4.69 27.76
C VAL A 62 22.16 -4.63 26.71
N ILE A 63 21.96 -5.72 25.99
CA ILE A 63 20.90 -5.82 25.02
C ILE A 63 19.82 -6.72 25.57
N THR A 64 18.56 -6.28 25.44
CA THR A 64 17.39 -7.13 25.78
C THR A 64 16.66 -7.47 24.53
N MET A 65 16.28 -8.73 24.39
CA MET A 65 15.41 -9.18 23.33
C MET A 65 14.34 -10.10 23.99
N LEU A 66 13.28 -9.49 24.49
CA LEU A 66 12.33 -10.12 25.41
C LEU A 66 10.87 -10.02 24.91
N PRO A 67 9.98 -10.90 25.41
CA PRO A 67 8.68 -11.01 24.72
C PRO A 67 7.72 -9.86 24.94
N THR A 68 7.77 -9.24 26.12
CA THR A 68 6.79 -8.18 26.47
C THR A 68 7.41 -7.05 27.30
N GLY A 69 6.70 -5.92 27.32
CA GLY A 69 7.13 -4.76 28.07
C GLY A 69 7.24 -5.00 29.54
N GLU A 70 6.29 -5.75 30.07
CA GLU A 70 6.33 -6.10 31.48
C GLU A 70 7.61 -6.94 31.82
N VAL A 71 8.04 -7.83 30.92
CA VAL A 71 9.28 -8.61 31.17
C VAL A 71 10.53 -7.70 31.04
N VAL A 72 10.49 -6.76 30.09
CA VAL A 72 11.61 -5.83 29.91
C VAL A 72 11.70 -4.99 31.17
N ARG A 73 10.55 -4.45 31.60
CA ARG A 73 10.55 -3.59 32.81
C ARG A 73 11.14 -4.34 34.04
N ARG A 74 10.69 -5.56 34.23
CA ARG A 74 11.16 -6.38 35.36
C ARG A 74 12.65 -6.75 35.20
N CYS A 75 13.09 -6.97 33.97
CA CYS A 75 14.52 -7.21 33.72
C CYS A 75 15.35 -6.01 34.13
N TYR A 76 14.92 -4.83 33.70
CA TYR A 76 15.56 -3.56 34.08
C TYR A 76 15.66 -3.36 35.58
N THR A 77 14.58 -3.55 36.31
CA THR A 77 14.64 -3.33 37.77
C THR A 77 15.46 -4.47 38.46
N ASP A 78 15.55 -5.64 37.84
CA ASP A 78 16.44 -6.68 38.33
C ASP A 78 17.93 -6.42 38.15
N VAL A 79 18.32 -5.69 37.11
CA VAL A 79 19.75 -5.59 36.74
C VAL A 79 20.36 -4.21 36.82
N LEU A 80 19.57 -3.15 36.86
CA LEU A 80 20.16 -1.83 36.73
C LEU A 80 21.18 -1.58 37.85
N ALA A 81 20.85 -1.96 39.08
CA ALA A 81 21.78 -1.78 40.22
C ALA A 81 23.05 -2.63 40.06
N ALA A 82 23.00 -3.71 39.26
CA ALA A 82 24.17 -4.57 38.97
C ALA A 82 25.10 -3.96 37.91
N ALA A 83 24.61 -3.03 37.08
CA ALA A 83 25.38 -2.54 35.95
C ALA A 83 26.37 -1.48 36.38
N ARG A 84 27.46 -1.32 35.66
CA ARG A 84 28.31 -0.17 35.94
C ARG A 84 27.72 1.13 35.43
N PRO A 85 28.21 2.27 35.95
CA PRO A 85 27.64 3.51 35.51
C PRO A 85 27.94 3.80 34.06
N ALA A 86 27.02 4.52 33.41
CA ALA A 86 27.11 4.81 31.99
C ALA A 86 27.19 3.55 31.08
N THR A 87 26.65 2.42 31.57
CA THR A 87 26.40 1.27 30.73
C THR A 87 25.35 1.67 29.68
N LEU A 88 25.56 1.17 28.46
CA LEU A 88 24.64 1.46 27.36
C LEU A 88 23.61 0.32 27.29
N PHE A 89 22.33 0.65 27.49
CA PHE A 89 21.27 -0.35 27.42
C PHE A 89 20.58 -0.18 26.08
N ILE A 90 20.42 -1.28 25.34
CA ILE A 90 19.65 -1.28 24.11
C ILE A 90 18.53 -2.32 24.20
N ASP A 91 17.28 -1.85 24.16
CA ASP A 91 16.15 -2.74 24.04
C ASP A 91 15.68 -2.92 22.61
N SER A 92 15.91 -4.14 22.12
CA SER A 92 15.52 -4.53 20.78
C SER A 92 14.21 -5.36 20.75
N SER A 93 13.62 -5.57 21.93
CA SER A 93 12.27 -6.12 22.03
C SER A 93 11.28 -5.19 21.27
N THR A 94 10.11 -5.73 20.93
CA THR A 94 9.02 -4.95 20.34
C THR A 94 7.99 -4.89 21.41
N ILE A 95 7.84 -3.67 21.96
CA ILE A 95 6.99 -3.38 23.07
C ILE A 95 6.29 -2.03 22.82
N SER A 96 5.28 -1.73 23.62
CA SER A 96 4.55 -0.49 23.44
C SER A 96 5.44 0.75 23.62
N VAL A 97 5.02 1.84 22.99
CA VAL A 97 5.73 3.11 23.07
C VAL A 97 5.73 3.55 24.52
N THR A 98 4.64 3.28 25.24
CA THR A 98 4.54 3.69 26.64
C THR A 98 5.57 2.94 27.45
N ASP A 99 5.63 1.62 27.23
CA ASP A 99 6.60 0.77 27.97
C ASP A 99 8.01 1.18 27.62
N ALA A 100 8.26 1.43 26.34
CA ALA A 100 9.58 1.85 25.92
C ALA A 100 10.09 3.08 26.67
N ARG A 101 9.24 4.09 26.72
CA ARG A 101 9.59 5.34 27.38
C ARG A 101 9.76 5.22 28.87
N GLU A 102 8.95 4.40 29.51
CA GLU A 102 9.10 4.22 30.95
C GLU A 102 10.44 3.52 31.26
N VAL A 103 10.75 2.45 30.52
CA VAL A 103 12.03 1.76 30.77
C VAL A 103 13.25 2.62 30.41
N HIS A 104 13.14 3.44 29.36
CA HIS A 104 14.19 4.41 29.07
C HIS A 104 14.39 5.38 30.26
N ALA A 105 13.31 5.94 30.79
CA ALA A 105 13.45 6.87 31.95
C ALA A 105 14.07 6.17 33.18
N LEU A 106 13.62 4.95 33.40
CA LEU A 106 14.19 4.12 34.47
C LEU A 106 15.72 3.94 34.40
N ALA A 107 16.20 3.55 33.20
CA ALA A 107 17.63 3.38 32.95
C ALA A 107 18.40 4.67 33.06
N GLU A 108 17.91 5.75 32.47
CA GLU A 108 18.62 7.00 32.59
C GLU A 108 18.65 7.54 34.03
N SER A 109 17.64 7.25 34.81
CA SER A 109 17.62 7.66 36.23
C SER A 109 18.75 7.02 37.02
N HIS A 110 19.30 5.91 36.51
CA HIS A 110 20.45 5.22 37.11
C HIS A 110 21.73 5.61 36.47
N GLY A 111 21.75 6.66 35.68
CA GLY A 111 23.01 7.10 35.01
C GLY A 111 23.42 6.23 33.86
N MET A 112 22.47 5.48 33.31
CA MET A 112 22.73 4.67 32.15
C MET A 112 22.31 5.44 30.92
N LEU A 113 22.70 4.93 29.76
CA LEU A 113 22.30 5.48 28.48
C LEU A 113 21.44 4.43 27.84
N GLN A 114 20.31 4.81 27.23
CA GLN A 114 19.36 3.78 26.77
C GLN A 114 18.77 4.16 25.42
N LEU A 115 18.69 3.16 24.54
CA LEU A 115 17.97 3.24 23.28
C LEU A 115 16.86 2.17 23.21
N ASP A 116 15.73 2.52 22.60
CA ASP A 116 14.86 1.50 21.96
C ASP A 116 15.28 1.23 20.51
N ALA A 117 15.51 -0.03 20.14
CA ALA A 117 15.94 -0.43 18.81
C ALA A 117 15.26 -1.68 18.35
N PRO A 118 13.94 -1.66 18.27
CA PRO A 118 13.28 -2.85 17.76
C PRO A 118 13.71 -3.11 16.36
N VAL A 119 13.42 -4.30 15.87
CA VAL A 119 13.96 -4.73 14.59
C VAL A 119 12.90 -5.29 13.70
N SER A 120 13.10 -5.11 12.39
CA SER A 120 12.37 -5.84 11.32
C SER A 120 13.31 -6.82 10.62
N GLY A 121 12.79 -8.00 10.31
CA GLY A 121 13.51 -8.95 9.43
C GLY A 121 13.43 -10.41 9.85
N GLY A 122 12.85 -10.68 11.01
CA GLY A 122 12.65 -12.04 11.44
C GLY A 122 13.93 -12.85 11.72
N VAL A 123 13.72 -14.13 11.96
CA VAL A 123 14.84 -15.02 12.28
C VAL A 123 15.87 -15.09 11.13
N LYS A 124 15.38 -15.05 9.90
CA LYS A 124 16.24 -15.13 8.72
C LYS A 124 17.19 -13.95 8.68
N GLY A 125 16.59 -12.77 8.83
CA GLY A 125 17.35 -11.53 8.91
C GLY A 125 18.32 -11.48 10.11
N ALA A 126 17.90 -12.04 11.23
CA ALA A 126 18.75 -12.07 12.43
C ALA A 126 20.00 -12.91 12.10
N ALA A 127 19.80 -14.10 11.54
CA ALA A 127 20.91 -15.02 11.13
C ALA A 127 21.82 -14.37 10.09
N ALA A 128 21.22 -13.68 9.13
CA ALA A 128 22.00 -13.18 8.02
C ALA A 128 22.66 -11.80 8.32
N ALA A 129 22.38 -11.27 9.50
CA ALA A 129 22.84 -9.97 9.96
C ALA A 129 22.32 -8.83 9.04
N THR A 130 21.06 -8.92 8.65
CA THR A 130 20.41 -7.92 7.77
C THR A 130 19.22 -7.25 8.41
N LEU A 131 19.12 -7.28 9.73
CA LEU A 131 18.00 -6.68 10.42
C LEU A 131 17.96 -5.18 10.21
N ALA A 132 16.75 -4.63 10.20
CA ALA A 132 16.60 -3.17 10.16
C ALA A 132 16.29 -2.73 11.58
N PHE A 133 17.22 -1.98 12.19
CA PHE A 133 17.01 -1.40 13.51
C PHE A 133 16.36 -0.01 13.40
N MET A 134 15.20 0.15 14.02
CA MET A 134 14.53 1.47 14.13
C MET A 134 14.71 2.02 15.54
N VAL A 135 15.48 3.11 15.66
CA VAL A 135 16.05 3.53 16.95
C VAL A 135 15.50 4.81 17.49
N GLY A 136 15.12 4.78 18.76
CA GLY A 136 14.78 6.03 19.50
C GLY A 136 15.75 6.30 20.65
N GLY A 137 16.00 7.58 20.87
CA GLY A 137 16.98 8.07 21.83
C GLY A 137 17.88 9.14 21.22
N ASP A 138 18.92 9.49 21.96
CA ASP A 138 19.83 10.59 21.61
C ASP A 138 20.77 10.14 20.51
N GLU A 139 21.06 11.05 19.58
CA GLU A 139 21.98 10.79 18.47
C GLU A 139 23.39 10.44 18.97
N SER A 140 23.84 11.08 20.04
CA SER A 140 25.16 10.81 20.55
C SER A 140 25.25 9.38 21.14
N THR A 141 24.16 8.91 21.73
CA THR A 141 24.03 7.52 22.23
C THR A 141 23.94 6.50 21.07
N LEU A 142 23.14 6.80 20.05
CA LEU A 142 23.17 5.94 18.86
C LEU A 142 24.60 5.84 18.26
N ARG A 143 25.28 6.98 18.14
CA ARG A 143 26.67 6.91 17.62
C ARG A 143 27.55 5.94 18.38
N ARG A 144 27.57 6.05 19.71
CA ARG A 144 28.25 5.05 20.55
C ARG A 144 27.75 3.63 20.27
N ALA A 145 26.43 3.46 20.05
CA ALA A 145 25.88 2.11 19.86
C ALA A 145 26.21 1.52 18.52
N ARG A 146 26.48 2.37 17.53
CA ARG A 146 26.68 1.93 16.14
C ARG A 146 27.60 0.73 15.90
N PRO A 147 28.83 0.77 16.42
CA PRO A 147 29.69 -0.41 16.22
C PRO A 147 29.12 -1.73 16.79
N VAL A 148 28.18 -1.67 17.71
CA VAL A 148 27.53 -2.90 18.22
C VAL A 148 26.40 -3.30 17.29
N LEU A 149 25.60 -2.33 16.85
CA LEU A 149 24.45 -2.63 16.01
C LEU A 149 24.89 -3.19 14.67
N GLU A 150 25.92 -2.59 14.10
CA GLU A 150 26.36 -2.89 12.76
C GLU A 150 26.53 -4.36 12.40
N PRO A 151 27.19 -5.17 13.22
CA PRO A 151 27.32 -6.57 12.82
C PRO A 151 26.01 -7.39 12.89
N MET A 152 24.96 -6.82 13.46
CA MET A 152 23.68 -7.53 13.43
C MET A 152 22.77 -7.03 12.30
N ALA A 153 23.17 -5.93 11.68
CA ALA A 153 22.21 -5.08 10.96
C ALA A 153 22.48 -4.92 9.47
N GLY A 154 21.40 -4.81 8.71
CA GLY A 154 21.44 -4.39 7.30
C GLY A 154 21.10 -2.87 7.23
N LYS A 155 20.40 -2.31 8.21
CA LYS A 155 19.92 -0.94 8.17
C LYS A 155 19.78 -0.46 9.61
N ILE A 156 20.16 0.80 9.84
CA ILE A 156 20.03 1.42 11.17
C ILE A 156 19.42 2.77 10.97
N ILE A 157 18.22 2.97 11.47
CA ILE A 157 17.51 4.26 11.26
C ILE A 157 17.17 4.98 12.57
N HIS A 158 17.66 6.20 12.71
CA HIS A 158 17.34 7.00 13.85
C HIS A 158 15.96 7.65 13.62
N CYS A 159 15.00 7.29 14.47
CA CYS A 159 13.60 7.68 14.34
C CYS A 159 13.22 8.90 15.12
N GLY A 160 14.00 9.24 16.15
CA GLY A 160 13.60 10.31 17.07
C GLY A 160 14.04 10.00 18.50
N ALA A 161 13.43 10.69 19.45
CA ALA A 161 13.73 10.54 20.89
C ALA A 161 13.13 9.21 21.36
N ALA A 162 13.36 8.89 22.61
CA ALA A 162 13.06 7.58 23.10
C ALA A 162 11.59 7.23 22.86
N GLY A 163 11.38 6.04 22.37
CA GLY A 163 10.07 5.54 21.97
C GLY A 163 9.78 5.63 20.46
N ALA A 164 10.53 6.48 19.75
CA ALA A 164 10.31 6.70 18.32
C ALA A 164 10.58 5.46 17.46
N GLY A 165 11.53 4.62 17.92
CA GLY A 165 11.77 3.34 17.27
C GLY A 165 10.55 2.43 17.29
N GLN A 166 9.98 2.28 18.50
CA GLN A 166 8.78 1.48 18.66
C GLN A 166 7.61 2.10 17.84
N ALA A 167 7.55 3.43 17.78
CA ALA A 167 6.40 4.07 17.16
C ALA A 167 6.48 3.88 15.66
N ALA A 168 7.68 4.05 15.12
CA ALA A 168 7.88 3.90 13.71
C ALA A 168 7.56 2.48 13.25
N LYS A 169 8.08 1.48 13.97
CA LYS A 169 7.85 0.11 13.54
C LYS A 169 6.35 -0.26 13.62
N VAL A 170 5.69 0.17 14.68
CA VAL A 170 4.27 -0.18 14.88
C VAL A 170 3.37 0.55 13.82
N CYS A 171 3.75 1.76 13.41
CA CYS A 171 3.01 2.44 12.37
C CYS A 171 3.19 1.79 11.01
N ASN A 172 4.42 1.42 10.67
CA ASN A 172 4.64 0.75 9.41
C ASN A 172 3.93 -0.61 9.33
N ASN A 173 4.03 -1.41 10.38
CA ASN A 173 3.38 -2.69 10.39
C ASN A 173 1.84 -2.64 10.37
N MET A 174 1.26 -1.58 10.92
CA MET A 174 -0.18 -1.40 10.81
C MET A 174 -0.56 -1.20 9.32
N VAL A 175 0.20 -0.39 8.61
CA VAL A 175 -0.05 -0.11 7.23
C VAL A 175 0.10 -1.41 6.46
N LEU A 176 1.18 -2.16 6.77
CA LEU A 176 1.50 -3.42 6.11
C LEU A 176 0.33 -4.42 6.19
N ALA A 177 -0.21 -4.59 7.39
CA ALA A 177 -1.38 -5.41 7.63
C ALA A 177 -2.55 -5.01 6.71
N VAL A 178 -2.83 -3.71 6.67
CA VAL A 178 -3.94 -3.19 5.88
C VAL A 178 -3.73 -3.50 4.38
N GLN A 179 -2.53 -3.21 3.90
CA GLN A 179 -2.11 -3.50 2.51
C GLN A 179 -2.20 -5.01 2.14
N GLN A 180 -1.76 -5.88 3.04
CA GLN A 180 -1.81 -7.32 2.78
C GLN A 180 -3.28 -7.79 2.64
N ILE A 181 -4.20 -7.25 3.42
CA ILE A 181 -5.57 -7.62 3.29
C ILE A 181 -6.15 -6.99 2.01
N ALA A 182 -5.87 -5.73 1.79
CA ALA A 182 -6.35 -5.02 0.58
C ALA A 182 -5.91 -5.73 -0.71
N ILE A 183 -4.64 -6.16 -0.74
CA ILE A 183 -4.12 -6.89 -1.89
C ILE A 183 -4.88 -8.19 -2.03
N ALA A 184 -5.08 -8.92 -0.93
CA ALA A 184 -5.87 -10.13 -0.99
C ALA A 184 -7.30 -9.93 -1.53
N GLU A 185 -7.95 -8.87 -1.08
CA GLU A 185 -9.29 -8.53 -1.57
C GLU A 185 -9.31 -8.35 -3.06
N ALA A 186 -8.33 -7.60 -3.55
CA ALA A 186 -8.21 -7.30 -4.95
C ALA A 186 -7.98 -8.55 -5.83
N PHE A 187 -7.10 -9.45 -5.38
CA PHE A 187 -6.93 -10.72 -6.05
C PHE A 187 -8.18 -11.57 -6.04
N VAL A 188 -8.93 -11.58 -4.95
CA VAL A 188 -10.18 -12.39 -4.98
C VAL A 188 -11.26 -11.74 -5.92
N LEU A 189 -11.38 -10.41 -5.84
CA LEU A 189 -12.34 -9.70 -6.63
C LEU A 189 -11.96 -9.90 -8.13
N ALA A 190 -10.67 -9.85 -8.46
CA ALA A 190 -10.23 -9.97 -9.84
C ALA A 190 -10.64 -11.35 -10.37
N GLU A 191 -10.35 -12.36 -9.58
CA GLU A 191 -10.71 -13.68 -9.96
C GLU A 191 -12.21 -13.85 -10.26
N LYS A 192 -13.06 -13.32 -9.39
CA LYS A 192 -14.52 -13.37 -9.61
C LYS A 192 -15.02 -12.58 -10.81
N LEU A 193 -14.29 -11.55 -11.19
CA LEU A 193 -14.54 -10.76 -12.38
C LEU A 193 -14.02 -11.36 -13.69
N GLY A 194 -13.26 -12.45 -13.59
CA GLY A 194 -12.65 -13.10 -14.75
C GLY A 194 -11.34 -12.43 -15.20
N LEU A 195 -10.74 -11.63 -14.34
CA LEU A 195 -9.43 -11.05 -14.62
C LEU A 195 -8.39 -11.98 -14.02
N SER A 196 -7.45 -12.46 -14.83
CA SER A 196 -6.41 -13.41 -14.32
C SER A 196 -5.46 -12.78 -13.23
N ALA A 197 -4.94 -13.62 -12.34
CA ALA A 197 -4.00 -13.18 -11.31
C ALA A 197 -2.80 -12.49 -11.92
N GLN A 198 -2.27 -13.03 -13.02
CA GLN A 198 -1.10 -12.43 -13.69
C GLN A 198 -1.35 -11.03 -14.23
N SER A 199 -2.55 -10.81 -14.79
CA SER A 199 -2.91 -9.52 -15.37
C SER A 199 -3.09 -8.50 -14.29
N LEU A 200 -3.82 -8.86 -13.25
CA LEU A 200 -3.95 -7.94 -12.11
C LEU A 200 -2.58 -7.60 -11.58
N PHE A 201 -1.75 -8.63 -11.36
CA PHE A 201 -0.38 -8.42 -10.86
C PHE A 201 0.39 -7.44 -11.73
N ASP A 202 0.42 -7.68 -13.06
CA ASP A 202 1.08 -6.80 -14.04
C ASP A 202 0.57 -5.36 -13.93
N VAL A 203 -0.74 -5.16 -13.78
CA VAL A 203 -1.31 -3.79 -13.63
C VAL A 203 -0.93 -3.10 -12.33
N ILE A 204 -1.27 -3.72 -11.20
CA ILE A 204 -1.06 -3.10 -9.88
C ILE A 204 0.42 -2.76 -9.65
N THR A 205 1.31 -3.67 -10.03
CA THR A 205 2.73 -3.41 -9.81
C THR A 205 3.29 -2.28 -10.68
N GLY A 206 2.63 -1.98 -11.79
CA GLY A 206 2.99 -0.86 -12.62
C GLY A 206 2.08 0.32 -12.39
N ALA A 207 1.27 0.35 -11.33
CA ALA A 207 0.30 1.46 -11.08
C ALA A 207 0.34 1.93 -9.61
N THR A 208 -0.63 2.72 -9.21
CA THR A 208 -0.53 3.42 -7.92
C THR A 208 -0.73 2.51 -6.72
N GLY A 209 -1.41 1.38 -6.92
CA GLY A 209 -1.60 0.41 -5.87
C GLY A 209 -0.36 -0.47 -5.51
N ASN A 210 0.77 -0.34 -6.23
CA ASN A 210 1.89 -1.23 -5.99
C ASN A 210 2.41 -1.12 -4.54
N CYS A 211 2.76 -2.24 -3.95
CA CYS A 211 3.38 -2.26 -2.65
C CYS A 211 4.01 -3.63 -2.46
N TRP A 212 4.84 -3.76 -1.43
CA TRP A 212 5.58 -5.03 -1.11
C TRP A 212 4.62 -6.18 -0.92
N ALA A 213 3.48 -5.92 -0.29
CA ALA A 213 2.43 -6.95 -0.18
C ALA A 213 2.03 -7.69 -1.46
N VAL A 214 2.13 -6.99 -2.61
CA VAL A 214 1.97 -7.61 -3.88
C VAL A 214 3.28 -7.90 -4.58
N HIS A 215 4.24 -6.96 -4.65
CA HIS A 215 5.40 -7.22 -5.52
C HIS A 215 6.29 -8.29 -4.94
N THR A 216 6.27 -8.46 -3.61
CA THR A 216 7.10 -9.52 -3.01
C THR A 216 6.27 -10.60 -2.32
N ASN A 217 5.14 -10.22 -1.71
CA ASN A 217 4.38 -11.16 -0.91
C ASN A 217 3.10 -11.62 -1.58
N CYS A 218 3.02 -11.46 -2.90
CA CYS A 218 1.83 -11.84 -3.67
C CYS A 218 1.12 -13.06 -3.11
N PRO A 219 -0.15 -12.93 -2.68
CA PRO A 219 -0.85 -14.04 -2.03
C PRO A 219 -1.51 -15.08 -2.90
N VAL A 220 -1.37 -14.99 -4.21
CA VAL A 220 -1.79 -16.08 -5.11
C VAL A 220 -0.53 -16.70 -5.76
N PRO A 221 -0.51 -18.03 -5.97
CA PRO A 221 0.68 -18.63 -6.59
C PRO A 221 0.87 -18.17 -8.05
N GLY A 222 2.11 -18.02 -8.45
CA GLY A 222 2.49 -17.83 -9.88
C GLY A 222 3.28 -16.54 -10.11
N PRO A 223 2.66 -15.39 -9.83
CA PRO A 223 3.32 -14.14 -10.26
C PRO A 223 4.64 -13.85 -9.63
N VAL A 224 4.85 -14.29 -8.38
CA VAL A 224 6.12 -14.12 -7.70
C VAL A 224 6.49 -15.52 -7.13
N PRO A 225 7.26 -16.32 -7.90
CA PRO A 225 7.45 -17.75 -7.50
C PRO A 225 8.01 -17.93 -6.08
N THR A 226 8.77 -16.98 -5.57
CA THR A 226 9.22 -17.09 -4.20
C THR A 226 8.24 -16.69 -3.11
N SER A 227 7.07 -16.15 -3.43
CA SER A 227 6.17 -15.67 -2.37
C SER A 227 5.62 -16.88 -1.60
N PRO A 228 5.26 -16.69 -0.32
CA PRO A 228 4.76 -17.78 0.54
C PRO A 228 3.59 -18.56 -0.02
N ALA A 229 2.77 -17.91 -0.85
CA ALA A 229 1.63 -18.56 -1.51
C ALA A 229 2.01 -19.79 -2.38
N ASN A 230 3.24 -19.82 -2.86
CA ASN A 230 3.76 -20.91 -3.66
C ASN A 230 4.42 -22.01 -2.82
N ASN A 231 4.44 -21.85 -1.49
CA ASN A 231 5.07 -22.82 -0.59
C ASN A 231 4.21 -23.06 0.69
N ASP A 232 2.94 -23.36 0.47
CA ASP A 232 1.93 -23.60 1.51
C ASP A 232 1.82 -22.50 2.58
N PHE A 233 2.19 -21.25 2.21
CA PHE A 233 2.16 -20.13 3.13
C PHE A 233 3.03 -20.34 4.36
N LYS A 234 4.18 -21.00 4.18
CA LYS A 234 5.21 -21.08 5.19
C LYS A 234 5.69 -19.66 5.41
N PRO A 235 5.82 -19.22 6.69
CA PRO A 235 6.42 -17.93 6.98
C PRO A 235 7.87 -17.98 6.55
N GLY A 236 8.45 -16.89 6.05
CA GLY A 236 7.83 -15.60 5.87
C GLY A 236 7.70 -14.82 7.16
N PHE A 237 6.59 -14.10 7.30
CA PHE A 237 6.20 -13.34 8.48
C PHE A 237 4.86 -13.93 8.96
N SER A 238 4.89 -14.67 10.07
CA SER A 238 3.74 -15.37 10.62
C SER A 238 2.60 -14.45 11.05
N THR A 239 1.39 -14.97 10.88
CA THR A 239 0.16 -14.38 11.43
C THR A 239 0.31 -14.15 12.92
N ALA A 240 0.93 -15.08 13.61
CA ALA A 240 1.23 -14.92 15.08
C ALA A 240 1.89 -13.60 15.42
N LEU A 241 2.98 -13.31 14.70
CA LEU A 241 3.77 -12.11 14.84
C LEU A 241 3.07 -10.87 14.35
N MET A 242 2.39 -10.97 13.20
CA MET A 242 1.66 -9.84 12.73
C MET A 242 0.56 -9.48 13.74
N ASN A 243 -0.16 -10.50 14.25
CA ASN A 243 -1.18 -10.29 15.26
C ASN A 243 -0.58 -9.56 16.50
N LYS A 244 0.60 -10.02 16.93
CA LYS A 244 1.27 -9.37 18.03
C LYS A 244 1.52 -7.88 17.79
N ASP A 245 2.06 -7.53 16.61
CA ASP A 245 2.32 -6.16 16.28
C ASP A 245 1.05 -5.35 16.23
N LEU A 246 -0.01 -5.91 15.67
CA LEU A 246 -1.27 -5.19 15.61
C LEU A 246 -1.88 -4.94 16.99
N GLY A 247 -1.70 -5.86 17.92
CA GLY A 247 -2.11 -5.65 19.33
C GLY A 247 -1.43 -4.43 19.90
N LEU A 248 -0.12 -4.33 19.64
CA LEU A 248 0.63 -3.15 20.04
C LEU A 248 0.13 -1.87 19.35
N ALA A 249 -0.24 -1.97 18.07
CA ALA A 249 -0.84 -0.83 17.37
C ALA A 249 -2.12 -0.43 18.03
N MET A 250 -2.94 -1.43 18.36
CA MET A 250 -4.19 -1.14 19.06
C MET A 250 -4.01 -0.48 20.47
N ASP A 251 -2.98 -0.92 21.20
CA ASP A 251 -2.64 -0.32 22.50
C ASP A 251 -2.27 1.13 22.30
N ALA A 252 -1.43 1.40 21.29
CA ALA A 252 -1.05 2.74 20.94
C ALA A 252 -2.24 3.63 20.49
N VAL A 253 -3.17 3.06 19.72
CA VAL A 253 -4.38 3.76 19.34
C VAL A 253 -5.22 4.07 20.57
N ALA A 254 -5.35 3.11 21.48
CA ALA A 254 -6.18 3.32 22.69
C ALA A 254 -5.50 4.35 23.62
N ALA A 255 -4.19 4.27 23.77
CA ALA A 255 -3.48 5.14 24.68
C ALA A 255 -3.52 6.58 24.21
N THR A 256 -3.60 6.79 22.90
CA THR A 256 -3.61 8.15 22.36
C THR A 256 -4.97 8.70 21.99
N GLY A 257 -6.04 7.90 22.02
CA GLY A 257 -7.33 8.30 21.49
C GLY A 257 -7.34 8.58 19.99
N ALA A 258 -6.52 7.85 19.23
CA ALA A 258 -6.39 8.04 17.79
C ALA A 258 -7.56 7.44 17.11
N THR A 259 -7.84 7.90 15.88
CA THR A 259 -8.89 7.31 15.01
C THR A 259 -8.14 6.53 13.96
N ALA A 260 -8.30 5.22 13.96
CA ALA A 260 -7.59 4.33 12.99
C ALA A 260 -8.51 3.24 12.51
N PRO A 261 -9.54 3.61 11.71
CA PRO A 261 -10.54 2.65 11.38
C PRO A 261 -10.04 1.45 10.56
N LEU A 262 -9.23 1.66 9.55
CA LEU A 262 -8.85 0.51 8.75
C LEU A 262 -7.77 -0.34 9.49
N GLY A 263 -6.87 0.29 10.20
CA GLY A 263 -5.85 -0.44 10.97
C GLY A 263 -6.53 -1.27 12.04
N SER A 264 -7.52 -0.68 12.71
CA SER A 264 -8.33 -1.41 13.73
C SER A 264 -9.11 -2.54 13.16
N HIS A 265 -9.67 -2.35 11.96
CA HIS A 265 -10.36 -3.40 11.22
C HIS A 265 -9.39 -4.53 10.91
N ALA A 266 -8.21 -4.16 10.43
CA ALA A 266 -7.16 -5.12 10.11
C ALA A 266 -6.78 -5.95 11.32
N ALA A 267 -6.67 -5.28 12.46
CA ALA A 267 -6.27 -5.94 13.70
C ALA A 267 -7.35 -6.97 14.01
N ASP A 268 -8.64 -6.61 13.87
CA ASP A 268 -9.70 -7.60 14.15
C ASP A 268 -9.59 -8.82 13.26
N ILE A 269 -9.34 -8.58 11.98
CA ILE A 269 -9.27 -9.67 11.01
C ILE A 269 -8.11 -10.59 11.33
N TYR A 270 -6.99 -10.01 11.72
CA TYR A 270 -5.81 -10.82 12.02
C TYR A 270 -5.91 -11.54 13.35
N ALA A 271 -6.60 -10.95 14.36
CA ALA A 271 -6.80 -11.61 15.65
C ALA A 271 -7.63 -12.87 15.49
N LYS A 272 -8.71 -12.74 14.73
CA LYS A 272 -9.55 -13.86 14.31
C LYS A 272 -8.82 -14.90 13.48
N PHE A 273 -8.00 -14.50 12.51
CA PHE A 273 -7.28 -15.44 11.65
C PHE A 273 -6.20 -16.20 12.44
N ALA A 274 -5.63 -15.54 13.45
CA ALA A 274 -4.61 -16.12 14.31
C ALA A 274 -5.13 -17.20 15.26
N ALA A 275 -6.46 -17.21 15.49
CA ALA A 275 -7.10 -18.30 16.28
C ALA A 275 -7.03 -19.61 15.59
N ASP A 276 -6.88 -19.59 14.26
CA ASP A 276 -6.84 -20.79 13.43
C ASP A 276 -5.58 -21.00 12.67
N HIS A 277 -4.89 -19.93 12.26
CA HIS A 277 -3.77 -20.05 11.33
C HIS A 277 -2.52 -19.25 11.76
N ALA A 278 -2.28 -19.21 13.07
CA ALA A 278 -1.17 -18.44 13.62
C ALA A 278 0.16 -18.76 12.92
N ASP A 279 0.31 -20.02 12.48
CA ASP A 279 1.55 -20.53 11.91
C ASP A 279 1.74 -20.26 10.42
N LEU A 280 0.73 -19.73 9.79
CA LEU A 280 0.85 -19.45 8.39
C LEU A 280 1.33 -18.05 8.18
N ASP A 281 1.99 -17.83 7.05
CA ASP A 281 2.32 -16.49 6.61
C ASP A 281 1.08 -15.60 6.63
N PHE A 282 1.29 -14.35 7.07
CA PHE A 282 0.17 -13.40 7.12
C PHE A 282 -0.58 -13.11 5.79
N SER A 283 0.03 -13.39 4.64
CA SER A 283 -0.62 -13.23 3.36
C SER A 283 -1.71 -14.27 3.19
N ALA A 284 -1.67 -15.40 3.94
CA ALA A 284 -2.74 -16.43 3.90
C ALA A 284 -4.12 -15.93 4.25
N VAL A 285 -4.21 -14.72 4.78
CA VAL A 285 -5.48 -14.05 5.05
C VAL A 285 -6.40 -14.00 3.82
N ILE A 286 -5.85 -14.13 2.61
CA ILE A 286 -6.67 -14.21 1.44
C ILE A 286 -7.75 -15.28 1.53
N HIS A 287 -7.46 -16.36 2.26
CA HIS A 287 -8.40 -17.51 2.41
C HIS A 287 -9.32 -17.47 3.58
N THR A 288 -9.38 -16.37 4.31
CA THR A 288 -10.28 -16.26 5.44
C THR A 288 -11.24 -15.12 5.22
N LEU A 289 -11.42 -14.68 3.97
CA LEU A 289 -12.25 -13.50 3.71
C LEU A 289 -13.77 -13.83 3.78
N ARG A 290 -14.10 -15.09 3.51
CA ARG A 290 -15.51 -15.51 3.56
C ARG A 290 -15.92 -15.86 5.00
N ALA A 291 -14.98 -15.87 5.95
CA ALA A 291 -15.32 -16.00 7.38
C ALA A 291 -16.09 -14.76 7.83
N ARG A 292 -15.65 -13.61 7.31
CA ARG A 292 -16.24 -12.30 7.50
C ARG A 292 -17.43 -11.97 6.54
N ALA A 293 -17.80 -12.92 5.66
CA ALA A 293 -18.93 -12.74 4.69
C ALA A 293 -20.30 -12.41 5.33
C MET B 1 -2.51 6.79 -39.25
N MET B 2 -2.80 7.47 -40.36
CA MET B 2 -3.84 8.51 -40.41
C MET B 2 -5.21 7.92 -40.69
N THR B 3 -5.94 7.70 -39.63
CA THR B 3 -7.37 7.36 -39.69
C THR B 3 -8.32 8.53 -39.27
N THR B 4 -9.58 8.39 -39.63
CA THR B 4 -10.68 9.25 -39.19
C THR B 4 -11.29 8.67 -37.91
N ILE B 5 -11.31 9.48 -36.85
CA ILE B 5 -11.80 9.06 -35.54
C ILE B 5 -13.01 9.96 -35.11
N ALA B 6 -14.14 9.35 -34.77
CA ALA B 6 -15.24 10.07 -34.08
C ALA B 6 -14.91 10.07 -32.59
N PHE B 7 -14.98 11.23 -31.95
CA PHE B 7 -14.70 11.38 -30.54
C PHE B 7 -15.96 11.92 -29.87
N LEU B 8 -16.59 11.09 -29.05
CA LEU B 8 -17.85 11.45 -28.40
C LEU B 8 -17.59 11.66 -26.89
N GLY B 9 -17.78 12.89 -26.45
CA GLY B 9 -17.42 13.31 -25.07
C GLY B 9 -16.08 14.05 -25.10
N LEU B 10 -16.15 15.38 -25.05
CA LEU B 10 -15.02 16.26 -25.21
C LEU B 10 -14.88 17.15 -23.97
N GLY B 11 -15.03 16.55 -22.80
CA GLY B 11 -14.93 17.26 -21.50
C GLY B 11 -13.51 17.32 -21.00
N ASN B 12 -13.31 17.32 -19.68
CA ASN B 12 -11.97 17.52 -19.10
C ASN B 12 -10.94 16.50 -19.59
N MET B 13 -11.36 15.27 -19.89
CA MET B 13 -10.47 14.24 -20.40
C MET B 13 -10.52 14.19 -21.92
N GLY B 14 -11.72 14.18 -22.48
CA GLY B 14 -11.86 14.09 -23.93
C GLY B 14 -11.23 15.21 -24.75
N ALA B 15 -11.33 16.44 -24.26
CA ALA B 15 -10.80 17.57 -25.00
C ALA B 15 -9.29 17.39 -25.20
N PRO B 16 -8.51 17.22 -24.10
CA PRO B 16 -7.08 17.04 -24.35
C PRO B 16 -6.73 15.80 -25.16
N MET B 17 -7.44 14.70 -24.93
CA MET B 17 -7.24 13.45 -25.68
C MET B 17 -7.40 13.68 -27.20
N SER B 18 -8.50 14.33 -27.54
CA SER B 18 -8.79 14.62 -28.93
C SER B 18 -7.73 15.55 -29.54
N ALA B 19 -7.29 16.51 -28.78
CA ALA B 19 -6.25 17.43 -29.25
C ALA B 19 -4.98 16.73 -29.63
N ASN B 20 -4.58 15.73 -28.87
CA ASN B 20 -3.37 14.96 -29.20
C ASN B 20 -3.58 14.14 -30.45
N LEU B 21 -4.79 13.64 -30.65
CA LEU B 21 -5.11 12.95 -31.88
C LEU B 21 -4.98 13.86 -33.12
N VAL B 22 -5.47 15.10 -33.02
CA VAL B 22 -5.35 16.07 -34.10
C VAL B 22 -3.88 16.37 -34.37
N GLY B 23 -3.12 16.62 -33.29
CA GLY B 23 -1.66 16.86 -33.36
C GLY B 23 -0.89 15.71 -34.04
N ALA B 24 -1.39 14.48 -33.92
CA ALA B 24 -0.74 13.35 -34.55
C ALA B 24 -1.18 13.13 -35.98
N GLY B 25 -2.06 13.97 -36.49
CA GLY B 25 -2.43 13.94 -37.93
C GLY B 25 -3.72 13.24 -38.26
N HIS B 26 -4.46 12.79 -37.24
CA HIS B 26 -5.77 12.18 -37.45
C HIS B 26 -6.80 13.23 -37.67
N VAL B 27 -7.83 12.84 -38.41
CA VAL B 27 -8.99 13.64 -38.65
C VAL B 27 -9.93 13.22 -37.51
N VAL B 28 -10.35 14.21 -36.71
CA VAL B 28 -11.15 13.94 -35.53
C VAL B 28 -12.49 14.60 -35.71
N ARG B 29 -13.55 13.80 -35.58
CA ARG B 29 -14.93 14.26 -35.80
C ARG B 29 -15.63 14.20 -34.44
N GLY B 30 -15.87 15.35 -33.84
CA GLY B 30 -16.31 15.40 -32.46
C GLY B 30 -17.79 15.59 -32.28
N PHE B 31 -18.33 15.04 -31.19
CA PHE B 31 -19.60 15.48 -30.72
C PHE B 31 -19.58 15.57 -29.18
N ASP B 32 -20.23 16.61 -28.67
CA ASP B 32 -20.52 16.70 -27.23
C ASP B 32 -21.70 17.66 -27.11
N PRO B 33 -22.75 17.27 -26.37
CA PRO B 33 -23.97 18.11 -26.30
C PRO B 33 -23.78 19.38 -25.45
N ALA B 34 -22.71 19.46 -24.69
CA ALA B 34 -22.36 20.69 -24.03
C ALA B 34 -21.56 21.60 -24.99
N PRO B 35 -22.13 22.70 -25.48
CA PRO B 35 -21.46 23.52 -26.49
C PRO B 35 -20.14 24.13 -26.09
N THR B 36 -19.93 24.41 -24.80
CA THR B 36 -18.64 24.91 -24.34
C THR B 36 -17.53 23.87 -24.60
N ALA B 37 -17.80 22.64 -24.28
CA ALA B 37 -16.88 21.53 -24.56
C ALA B 37 -16.64 21.42 -26.04
N ALA B 38 -17.73 21.41 -26.81
CA ALA B 38 -17.61 21.32 -28.26
C ALA B 38 -16.74 22.45 -28.85
N SER B 39 -16.99 23.67 -28.36
CA SER B 39 -16.32 24.87 -28.86
C SER B 39 -14.82 24.81 -28.58
N GLY B 40 -14.46 24.49 -27.34
CA GLY B 40 -13.03 24.30 -26.97
C GLY B 40 -12.33 23.23 -27.83
N ALA B 41 -12.99 22.12 -28.07
CA ALA B 41 -12.45 21.08 -28.95
C ALA B 41 -12.20 21.55 -30.41
N ALA B 42 -13.17 22.26 -30.99
CA ALA B 42 -13.02 22.89 -32.32
C ALA B 42 -11.82 23.83 -32.42
N ALA B 43 -11.56 24.61 -31.38
CA ALA B 43 -10.39 25.51 -31.34
C ALA B 43 -9.08 24.77 -31.53
N HIS B 44 -9.02 23.51 -31.09
CA HIS B 44 -7.82 22.69 -31.29
C HIS B 44 -7.87 21.79 -32.51
N GLY B 45 -8.79 22.03 -33.41
CA GLY B 45 -8.87 21.31 -34.70
C GLY B 45 -9.84 20.15 -34.86
N VAL B 46 -10.65 19.87 -33.83
CA VAL B 46 -11.68 18.83 -33.96
C VAL B 46 -12.82 19.38 -34.87
N ALA B 47 -13.23 18.62 -35.86
CA ALA B 47 -14.41 19.02 -36.62
C ALA B 47 -15.66 18.57 -35.78
N VAL B 48 -16.43 19.55 -35.32
CA VAL B 48 -17.55 19.34 -34.45
C VAL B 48 -18.83 19.18 -35.28
N PHE B 49 -19.66 18.20 -34.91
CA PHE B 49 -20.88 17.88 -35.64
C PHE B 49 -22.12 18.17 -34.80
N ARG B 50 -23.24 18.21 -35.48
CA ARG B 50 -24.52 18.58 -34.87
C ARG B 50 -25.11 17.41 -34.01
N SER B 51 -24.69 16.18 -34.29
CA SER B 51 -25.18 15.03 -33.57
C SER B 51 -24.13 13.93 -33.61
N ALA B 52 -24.27 12.99 -32.70
CA ALA B 52 -23.35 11.87 -32.55
C ALA B 52 -23.47 10.92 -33.76
N PRO B 53 -24.70 10.66 -34.26
CA PRO B 53 -24.81 9.86 -35.49
C PRO B 53 -24.06 10.41 -36.67
N GLU B 54 -24.14 11.71 -36.87
CA GLU B 54 -23.34 12.33 -37.94
C GLU B 54 -21.84 12.20 -37.75
N ALA B 55 -21.36 12.41 -36.51
CA ALA B 55 -19.94 12.35 -36.27
C ALA B 55 -19.42 10.95 -36.54
N VAL B 56 -20.21 9.95 -36.17
CA VAL B 56 -19.81 8.56 -36.34
C VAL B 56 -19.83 8.07 -37.82
N ALA B 57 -20.57 8.76 -38.71
CA ALA B 57 -21.00 8.19 -40.01
C ALA B 57 -19.87 7.85 -40.91
N GLU B 58 -18.85 8.69 -40.96
CA GLU B 58 -17.70 8.45 -41.81
C GLU B 58 -16.47 8.19 -40.95
N ALA B 59 -16.55 7.37 -39.89
CA ALA B 59 -15.39 7.12 -39.03
C ALA B 59 -14.93 5.68 -39.09
N ASP B 60 -13.63 5.49 -39.07
CA ASP B 60 -12.97 4.17 -38.92
C ASP B 60 -12.94 3.72 -37.44
N VAL B 61 -12.87 4.71 -36.53
CA VAL B 61 -12.79 4.46 -35.09
C VAL B 61 -13.69 5.46 -34.37
N VAL B 62 -14.38 5.00 -33.30
CA VAL B 62 -15.26 5.81 -32.44
C VAL B 62 -14.75 5.65 -31.02
N ILE B 63 -14.27 6.75 -30.44
CA ILE B 63 -13.93 6.79 -29.04
C ILE B 63 -15.02 7.50 -28.25
N THR B 64 -15.37 6.89 -27.08
CA THR B 64 -16.29 7.46 -26.12
C THR B 64 -15.51 7.76 -24.84
N MET B 65 -15.76 8.94 -24.29
CA MET B 65 -15.15 9.40 -23.02
C MET B 65 -16.24 10.13 -22.25
N LEU B 66 -17.07 9.31 -21.57
CA LEU B 66 -18.36 9.70 -21.08
C LEU B 66 -18.47 9.41 -19.59
N PRO B 67 -19.37 10.12 -18.90
CA PRO B 67 -19.38 10.10 -17.42
C PRO B 67 -19.85 8.82 -16.74
N THR B 68 -20.73 8.03 -17.35
CA THR B 68 -21.30 6.83 -16.71
C THR B 68 -21.65 5.74 -17.69
N GLY B 69 -21.81 4.53 -17.13
CA GLY B 69 -22.33 3.40 -17.89
C GLY B 69 -23.63 3.68 -18.63
N GLU B 70 -24.54 4.34 -17.94
CA GLU B 70 -25.82 4.70 -18.48
C GLU B 70 -25.68 5.58 -19.73
N VAL B 71 -24.81 6.59 -19.61
CA VAL B 71 -24.55 7.47 -20.73
C VAL B 71 -23.89 6.71 -21.92
N VAL B 72 -22.93 5.82 -21.64
CA VAL B 72 -22.32 5.04 -22.69
C VAL B 72 -23.38 4.14 -23.37
N ARG B 73 -24.20 3.47 -22.56
CA ARG B 73 -25.25 2.61 -23.11
C ARG B 73 -26.12 3.42 -24.07
N ARG B 74 -26.63 4.56 -23.58
CA ARG B 74 -27.48 5.43 -24.39
C ARG B 74 -26.82 5.88 -25.65
N CYS B 75 -25.56 6.29 -25.55
CA CYS B 75 -24.78 6.70 -26.70
C CYS B 75 -24.68 5.56 -27.72
N TYR B 76 -24.22 4.38 -27.29
CA TYR B 76 -24.19 3.20 -28.19
C TYR B 76 -25.54 2.97 -28.86
N THR B 77 -26.62 2.96 -28.09
CA THR B 77 -27.97 2.76 -28.70
C THR B 77 -28.30 3.81 -29.78
N ASP B 78 -27.85 5.01 -29.56
CA ASP B 78 -28.04 6.14 -30.46
C ASP B 78 -27.21 6.04 -31.72
N VAL B 79 -26.00 5.51 -31.64
CA VAL B 79 -25.09 5.62 -32.77
C VAL B 79 -24.66 4.38 -33.47
N LEU B 80 -24.82 3.20 -32.88
CA LEU B 80 -24.22 2.03 -33.47
C LEU B 80 -24.72 1.78 -34.89
N ALA B 81 -26.00 2.00 -35.17
CA ALA B 81 -26.57 1.77 -36.53
C ALA B 81 -26.09 2.81 -37.51
N ALA B 82 -25.67 3.93 -36.99
CA ALA B 82 -25.12 4.99 -37.81
C ALA B 82 -23.74 4.67 -38.36
N ALA B 83 -22.98 3.81 -37.68
CA ALA B 83 -21.58 3.61 -38.00
C ALA B 83 -21.48 2.64 -39.17
N ARG B 84 -20.42 2.77 -39.94
CA ARG B 84 -20.12 1.75 -40.97
C ARG B 84 -19.78 0.37 -40.34
N PRO B 85 -20.17 -0.74 -40.99
CA PRO B 85 -19.92 -2.07 -40.45
C PRO B 85 -18.46 -2.30 -40.16
N ALA B 86 -18.18 -2.89 -39.00
CA ALA B 86 -16.80 -3.21 -38.57
C ALA B 86 -15.98 -1.97 -38.26
N THR B 87 -16.64 -0.90 -37.88
CA THR B 87 -15.99 0.22 -37.24
C THR B 87 -15.48 -0.25 -35.84
N LEU B 88 -14.37 0.31 -35.42
CA LEU B 88 -13.77 -0.03 -34.13
C LEU B 88 -14.22 0.97 -33.04
N PHE B 89 -15.00 0.49 -32.06
CA PHE B 89 -15.42 1.30 -30.90
C PHE B 89 -14.47 1.08 -29.71
N ILE B 90 -13.97 2.16 -29.14
CA ILE B 90 -13.15 2.14 -27.96
C ILE B 90 -13.81 3.04 -26.90
N ASP B 91 -14.24 2.42 -25.81
CA ASP B 91 -14.77 3.17 -24.70
C ASP B 91 -13.66 3.37 -23.67
N SER B 92 -13.23 4.63 -23.50
CA SER B 92 -12.25 4.99 -22.47
C SER B 92 -12.88 5.57 -21.23
N SER B 93 -14.23 5.63 -21.18
CA SER B 93 -14.93 5.93 -19.95
C SER B 93 -14.59 4.93 -18.82
N THR B 94 -14.85 5.35 -17.59
CA THR B 94 -14.73 4.47 -16.44
C THR B 94 -16.13 4.08 -15.99
N ILE B 95 -16.48 2.82 -16.23
CA ILE B 95 -17.80 2.31 -16.00
C ILE B 95 -17.70 0.92 -15.39
N SER B 96 -18.81 0.41 -14.85
CA SER B 96 -18.81 -0.90 -14.15
C SER B 96 -18.45 -2.04 -15.09
N VAL B 97 -17.89 -3.11 -14.54
CA VAL B 97 -17.62 -4.25 -15.35
C VAL B 97 -18.87 -4.75 -16.05
N THR B 98 -19.99 -4.70 -15.33
CA THR B 98 -21.22 -5.24 -15.86
C THR B 98 -21.68 -4.38 -17.05
N ASP B 99 -21.71 -3.06 -16.87
CA ASP B 99 -22.01 -2.17 -17.97
C ASP B 99 -21.07 -2.35 -19.17
N ALA B 100 -19.78 -2.48 -18.89
CA ALA B 100 -18.80 -2.65 -19.94
C ALA B 100 -19.05 -3.88 -20.84
N ARG B 101 -19.36 -5.00 -20.19
CA ARG B 101 -19.73 -6.21 -20.90
C ARG B 101 -21.03 -6.11 -21.68
N GLU B 102 -22.02 -5.39 -21.16
CA GLU B 102 -23.25 -5.17 -21.87
C GLU B 102 -22.98 -4.32 -23.09
N VAL B 103 -22.31 -3.17 -22.95
CA VAL B 103 -22.07 -2.34 -24.13
C VAL B 103 -21.20 -3.00 -25.20
N HIS B 104 -20.26 -3.80 -24.75
CA HIS B 104 -19.42 -4.56 -25.64
C HIS B 104 -20.22 -5.56 -26.48
N ALA B 105 -21.07 -6.33 -25.82
CA ALA B 105 -21.96 -7.21 -26.49
C ALA B 105 -22.88 -6.49 -27.45
N LEU B 106 -23.40 -5.31 -27.06
CA LEU B 106 -24.26 -4.53 -27.95
C LEU B 106 -23.50 -4.10 -29.22
N ALA B 107 -22.28 -3.58 -29.03
CA ALA B 107 -21.49 -3.17 -30.17
C ALA B 107 -21.22 -4.32 -31.16
N GLU B 108 -20.83 -5.47 -30.60
CA GLU B 108 -20.62 -6.62 -31.43
C GLU B 108 -21.84 -7.12 -32.15
N SER B 109 -23.04 -6.97 -31.54
CA SER B 109 -24.30 -7.46 -32.15
C SER B 109 -24.67 -6.57 -33.33
N HIS B 110 -24.11 -5.35 -33.36
CA HIS B 110 -24.23 -4.44 -34.52
C HIS B 110 -23.12 -4.60 -35.55
N GLY B 111 -22.27 -5.58 -35.40
CA GLY B 111 -21.13 -5.78 -36.32
C GLY B 111 -19.89 -4.92 -36.11
N MET B 112 -19.76 -4.30 -34.93
CA MET B 112 -18.64 -3.42 -34.60
C MET B 112 -17.62 -4.13 -33.68
N LEU B 113 -16.37 -3.78 -33.85
CA LEU B 113 -15.30 -4.21 -32.98
C LEU B 113 -15.39 -3.33 -31.69
N GLN B 114 -15.06 -3.87 -30.51
CA GLN B 114 -15.13 -3.03 -29.33
C GLN B 114 -14.15 -3.43 -28.25
N LEU B 115 -13.55 -2.44 -27.62
CA LEU B 115 -12.65 -2.59 -26.51
C LEU B 115 -13.12 -1.64 -25.36
N ASP B 116 -12.86 -2.05 -24.12
CA ASP B 116 -12.88 -1.11 -23.02
C ASP B 116 -11.47 -0.72 -22.79
N ALA B 117 -11.24 0.58 -22.67
CA ALA B 117 -9.89 1.09 -22.46
C ALA B 117 -9.92 2.28 -21.53
N PRO B 118 -10.39 2.06 -20.30
CA PRO B 118 -10.37 3.14 -19.30
C PRO B 118 -8.95 3.52 -18.95
N VAL B 119 -8.78 4.73 -18.44
CA VAL B 119 -7.43 5.30 -18.32
C VAL B 119 -7.15 5.73 -16.91
N SER B 120 -5.87 5.83 -16.57
CA SER B 120 -5.46 6.60 -15.40
C SER B 120 -4.43 7.68 -15.83
N GLY B 121 -4.32 8.72 -15.01
CA GLY B 121 -3.49 9.87 -15.26
C GLY B 121 -4.17 11.21 -15.10
N GLY B 122 -5.49 11.23 -15.06
CA GLY B 122 -6.23 12.51 -15.01
C GLY B 122 -5.96 13.46 -16.17
N VAL B 123 -6.39 14.71 -16.01
CA VAL B 123 -6.29 15.69 -17.05
C VAL B 123 -4.86 16.02 -17.40
N LYS B 124 -3.98 16.04 -16.40
CA LYS B 124 -2.57 16.32 -16.68
C LYS B 124 -1.97 15.26 -17.55
N GLY B 125 -2.30 14.02 -17.25
CA GLY B 125 -1.78 12.89 -18.05
C GLY B 125 -2.36 12.99 -19.46
N ALA B 126 -3.61 13.38 -19.53
CA ALA B 126 -4.34 13.48 -20.79
C ALA B 126 -3.68 14.53 -21.69
N ALA B 127 -3.34 15.66 -21.12
CA ALA B 127 -2.77 16.74 -21.94
C ALA B 127 -1.35 16.41 -22.39
N ALA B 128 -0.54 15.81 -21.52
CA ALA B 128 0.81 15.34 -21.85
C ALA B 128 0.90 14.06 -22.64
N ALA B 129 -0.22 13.38 -22.87
CA ALA B 129 -0.21 12.06 -23.56
C ALA B 129 0.61 11.00 -22.80
N THR B 130 0.47 11.00 -21.48
CA THR B 130 1.12 9.97 -20.59
C THR B 130 0.08 9.07 -19.88
N LEU B 131 -1.17 9.02 -20.37
CA LEU B 131 -2.19 8.19 -19.73
C LEU B 131 -1.83 6.72 -19.78
N ALA B 132 -2.27 5.95 -18.81
CA ALA B 132 -2.22 4.49 -18.90
C ALA B 132 -3.56 3.98 -19.38
N PHE B 133 -3.59 3.24 -20.48
CA PHE B 133 -4.78 2.59 -20.96
C PHE B 133 -4.74 1.12 -20.52
N MET B 134 -5.84 0.70 -19.87
CA MET B 134 -5.99 -0.67 -19.40
C MET B 134 -7.10 -1.23 -20.28
N VAL B 135 -6.77 -2.17 -21.15
CA VAL B 135 -7.61 -2.60 -22.29
C VAL B 135 -8.11 -4.02 -22.06
N GLY B 136 -9.42 -4.18 -22.22
CA GLY B 136 -10.10 -5.47 -22.32
C GLY B 136 -10.67 -5.63 -23.74
N GLY B 137 -10.59 -6.86 -24.26
CA GLY B 137 -11.05 -7.23 -25.60
C GLY B 137 -10.03 -8.15 -26.26
N ASP B 138 -10.18 -8.36 -27.56
CA ASP B 138 -9.34 -9.29 -28.32
C ASP B 138 -8.02 -8.65 -28.61
N GLU B 139 -6.96 -9.45 -28.63
CA GLU B 139 -5.63 -8.92 -28.88
C GLU B 139 -5.50 -8.32 -30.25
N SER B 140 -6.12 -8.95 -31.21
CA SER B 140 -6.08 -8.47 -32.59
C SER B 140 -6.79 -7.11 -32.75
N THR B 141 -7.92 -6.94 -32.10
CA THR B 141 -8.57 -5.63 -32.01
C THR B 141 -7.67 -4.55 -31.37
N LEU B 142 -6.99 -4.93 -30.29
CA LEU B 142 -6.01 -4.04 -29.69
C LEU B 142 -4.87 -3.70 -30.68
N ARG B 143 -4.42 -4.68 -31.45
CA ARG B 143 -3.36 -4.43 -32.43
C ARG B 143 -3.86 -3.38 -33.44
N ARG B 144 -5.08 -3.56 -33.92
CA ARG B 144 -5.69 -2.59 -34.81
C ARG B 144 -5.80 -1.19 -34.15
N ALA B 145 -6.14 -1.13 -32.87
CA ALA B 145 -6.29 0.14 -32.13
C ALA B 145 -5.01 0.87 -31.77
N ARG B 146 -3.91 0.16 -31.63
CA ARG B 146 -2.69 0.77 -31.09
C ARG B 146 -2.24 2.11 -31.69
N PRO B 147 -2.22 2.20 -33.01
CA PRO B 147 -1.84 3.51 -33.60
C PRO B 147 -2.72 4.70 -33.17
N VAL B 148 -3.99 4.45 -32.85
CA VAL B 148 -4.88 5.46 -32.32
C VAL B 148 -4.57 5.77 -30.85
N LEU B 149 -4.29 4.75 -30.05
CA LEU B 149 -4.04 4.95 -28.65
C LEU B 149 -2.64 5.52 -28.36
N GLU B 150 -1.63 5.15 -29.15
CA GLU B 150 -0.25 5.64 -28.89
C GLU B 150 -0.14 7.15 -28.71
N PRO B 151 -0.71 7.96 -29.57
CA PRO B 151 -0.62 9.40 -29.38
C PRO B 151 -1.22 9.95 -28.14
N MET B 152 -2.07 9.19 -27.44
CA MET B 152 -2.66 9.63 -26.15
C MET B 152 -1.99 9.04 -24.91
N ALA B 153 -1.05 8.08 -25.12
CA ALA B 153 -0.68 7.14 -24.08
C ALA B 153 0.78 7.19 -23.65
N GLY B 154 1.00 7.02 -22.36
CA GLY B 154 2.32 6.68 -21.79
C GLY B 154 2.46 5.18 -21.72
N LYS B 155 1.38 4.45 -21.39
CA LYS B 155 1.33 2.99 -21.32
C LYS B 155 0.00 2.40 -21.87
N ILE B 156 0.13 1.27 -22.58
CA ILE B 156 -1.00 0.46 -23.02
C ILE B 156 -0.82 -0.97 -22.51
N ILE B 157 -1.81 -1.47 -21.78
CA ILE B 157 -1.70 -2.76 -21.11
C ILE B 157 -2.93 -3.55 -21.45
N HIS B 158 -2.76 -4.69 -22.09
CA HIS B 158 -3.82 -5.62 -22.32
C HIS B 158 -4.12 -6.45 -21.08
N CYS B 159 -5.31 -6.32 -20.52
CA CYS B 159 -5.67 -6.95 -19.25
C CYS B 159 -6.47 -8.24 -19.36
N GLY B 160 -6.98 -8.60 -20.56
CA GLY B 160 -7.77 -9.79 -20.75
C GLY B 160 -8.97 -9.51 -21.68
N ALA B 161 -10.04 -10.33 -21.56
CA ALA B 161 -11.22 -10.23 -22.39
C ALA B 161 -12.06 -9.00 -22.00
N ALA B 162 -13.07 -8.73 -22.82
CA ALA B 162 -13.89 -7.55 -22.60
C ALA B 162 -14.29 -7.39 -21.11
N GLY B 163 -14.20 -6.16 -20.65
CA GLY B 163 -14.41 -5.83 -19.28
C GLY B 163 -13.21 -5.84 -18.38
N ALA B 164 -12.12 -6.44 -18.80
CA ALA B 164 -10.93 -6.62 -17.93
C ALA B 164 -10.14 -5.34 -17.73
N GLY B 165 -10.28 -4.40 -18.67
CA GLY B 165 -9.66 -3.10 -18.46
C GLY B 165 -10.37 -2.42 -17.28
N GLN B 166 -11.70 -2.42 -17.30
CA GLN B 166 -12.47 -1.82 -16.22
C GLN B 166 -12.13 -2.54 -14.90
N ALA B 167 -11.98 -3.85 -14.97
CA ALA B 167 -11.78 -4.66 -13.79
C ALA B 167 -10.45 -4.35 -13.15
N ALA B 168 -9.42 -4.32 -13.96
CA ALA B 168 -8.10 -4.03 -13.44
C ALA B 168 -8.01 -2.61 -12.84
N LYS B 169 -8.58 -1.64 -13.53
CA LYS B 169 -8.58 -0.30 -12.99
C LYS B 169 -9.30 -0.24 -11.61
N VAL B 170 -10.49 -0.83 -11.53
CA VAL B 170 -11.31 -0.70 -10.34
C VAL B 170 -10.65 -1.42 -9.17
N CYS B 171 -10.03 -2.58 -9.43
CA CYS B 171 -9.24 -3.29 -8.42
C CYS B 171 -8.08 -2.45 -7.88
N ASN B 172 -7.29 -1.87 -8.80
CA ASN B 172 -6.19 -0.99 -8.36
C ASN B 172 -6.68 0.19 -7.54
N ASN B 173 -7.77 0.81 -7.97
CA ASN B 173 -8.21 2.03 -7.31
C ASN B 173 -8.85 1.74 -5.94
N MET B 174 -9.42 0.56 -5.74
CA MET B 174 -9.90 0.15 -4.45
C MET B 174 -8.73 0.01 -3.47
N VAL B 175 -7.71 -0.73 -3.89
CA VAL B 175 -6.44 -0.85 -3.15
C VAL B 175 -5.88 0.53 -2.83
N LEU B 176 -5.78 1.39 -3.83
CA LEU B 176 -5.29 2.76 -3.60
C LEU B 176 -6.02 3.56 -2.50
N ALA B 177 -7.34 3.48 -2.50
CA ALA B 177 -8.18 4.13 -1.49
C ALA B 177 -7.88 3.60 -0.12
N VAL B 178 -7.80 2.29 0.00
CA VAL B 178 -7.47 1.67 1.26
C VAL B 178 -6.11 2.15 1.74
N GLN B 179 -5.14 2.16 0.85
CA GLN B 179 -3.79 2.66 1.15
C GLN B 179 -3.73 4.13 1.55
N GLN B 180 -4.49 4.97 0.91
CA GLN B 180 -4.52 6.39 1.25
C GLN B 180 -5.09 6.66 2.61
N ILE B 181 -6.14 5.94 3.00
CA ILE B 181 -6.68 6.08 4.37
C ILE B 181 -5.61 5.51 5.36
N ALA B 182 -5.06 4.35 5.05
CA ALA B 182 -4.13 3.72 5.97
C ALA B 182 -2.91 4.56 6.22
N ILE B 183 -2.36 5.19 5.17
CA ILE B 183 -1.30 6.14 5.32
C ILE B 183 -1.67 7.31 6.23
N ALA B 184 -2.85 7.89 6.01
CA ALA B 184 -3.31 8.98 6.78
C ALA B 184 -3.38 8.62 8.26
N GLU B 185 -4.00 7.45 8.54
CA GLU B 185 -4.06 6.92 9.87
C GLU B 185 -2.67 6.77 10.53
N ALA B 186 -1.72 6.17 9.84
CA ALA B 186 -0.38 6.09 10.37
C ALA B 186 0.17 7.49 10.76
N PHE B 187 -0.02 8.48 9.89
CA PHE B 187 0.59 9.80 10.11
C PHE B 187 -0.02 10.52 11.30
N VAL B 188 -1.31 10.33 11.51
CA VAL B 188 -1.95 10.96 12.65
C VAL B 188 -1.57 10.26 13.93
N LEU B 189 -1.43 8.93 13.89
CA LEU B 189 -1.05 8.15 15.05
C LEU B 189 0.37 8.51 15.43
N ALA B 190 1.24 8.59 14.44
CA ALA B 190 2.59 9.07 14.64
C ALA B 190 2.61 10.40 15.37
N GLU B 191 1.79 11.33 14.88
CA GLU B 191 1.72 12.63 15.50
C GLU B 191 1.33 12.54 16.96
N LYS B 192 0.33 11.73 17.30
CA LYS B 192 -0.07 11.60 18.69
C LYS B 192 0.96 10.84 19.54
N LEU B 193 1.76 9.97 18.94
CA LEU B 193 2.87 9.29 19.63
C LEU B 193 4.15 10.12 19.83
N GLY B 194 4.20 11.30 19.27
CA GLY B 194 5.40 12.11 19.19
C GLY B 194 6.45 11.73 18.18
N LEU B 195 6.07 10.94 17.18
CA LEU B 195 6.97 10.61 16.10
C LEU B 195 6.75 11.64 15.03
N SER B 196 7.81 12.33 14.56
CA SER B 196 7.65 13.38 13.52
C SER B 196 7.21 12.84 12.15
N ALA B 197 6.55 13.70 11.40
CA ALA B 197 6.06 13.37 10.08
C ALA B 197 7.21 12.97 9.19
N GLN B 198 8.30 13.74 9.24
CA GLN B 198 9.51 13.43 8.47
C GLN B 198 10.08 12.07 8.80
N SER B 199 10.16 11.74 10.10
CA SER B 199 10.71 10.43 10.50
C SER B 199 9.83 9.27 10.07
N LEU B 200 8.52 9.40 10.22
CA LEU B 200 7.59 8.34 9.75
C LEU B 200 7.72 8.14 8.25
N PHE B 201 7.77 9.24 7.54
CA PHE B 201 7.94 9.20 6.08
C PHE B 201 9.20 8.43 5.73
N ASP B 202 10.33 8.79 6.34
CA ASP B 202 11.60 8.12 6.01
C ASP B 202 11.53 6.63 6.35
N VAL B 203 10.88 6.26 7.44
CA VAL B 203 10.73 4.81 7.76
C VAL B 203 9.88 4.04 6.75
N ILE B 204 8.64 4.49 6.56
CA ILE B 204 7.68 3.79 5.73
C ILE B 204 8.18 3.71 4.32
N THR B 205 8.76 4.80 3.80
CA THR B 205 9.22 4.76 2.43
C THR B 205 10.40 3.85 2.21
N GLY B 206 11.22 3.67 3.26
CA GLY B 206 12.34 2.72 3.23
C GLY B 206 11.97 1.31 3.68
N ALA B 207 10.69 1.08 3.99
CA ALA B 207 10.26 -0.18 4.57
C ALA B 207 9.11 -0.84 3.79
N THR B 208 8.50 -1.85 4.39
CA THR B 208 7.52 -2.67 3.66
C THR B 208 6.21 -1.95 3.36
N GLY B 209 5.94 -0.85 4.06
CA GLY B 209 4.71 -0.11 3.83
C GLY B 209 4.72 0.88 2.69
N ASN B 210 5.87 1.05 2.01
CA ASN B 210 5.97 2.09 1.03
C ASN B 210 4.97 1.90 -0.08
N CYS B 211 4.42 3.02 -0.58
CA CYS B 211 3.40 2.99 -1.65
C CYS B 211 3.17 4.40 -2.10
N TRP B 212 2.64 4.56 -3.33
CA TRP B 212 2.40 5.85 -3.92
C TRP B 212 1.69 6.82 -3.02
N ALA B 213 0.72 6.31 -2.29
CA ALA B 213 -0.03 7.13 -1.34
C ALA B 213 0.80 7.86 -0.31
N VAL B 214 2.00 7.32 -0.01
CA VAL B 214 2.88 8.05 0.85
C VAL B 214 3.96 8.74 0.05
N HIS B 215 4.63 8.03 -0.89
CA HIS B 215 5.86 8.53 -1.51
C HIS B 215 5.58 9.66 -2.49
N THR B 216 4.43 9.65 -3.13
CA THR B 216 4.05 10.73 -4.02
C THR B 216 2.92 11.53 -3.45
N ASN B 217 1.97 10.90 -2.75
CA ASN B 217 0.77 11.62 -2.31
C ASN B 217 0.78 11.95 -0.82
N CYS B 218 1.95 11.89 -0.16
CA CYS B 218 2.07 12.17 1.31
C CYS B 218 0.99 13.16 1.88
N PRO B 219 0.13 12.68 2.79
CA PRO B 219 -0.98 13.54 3.21
C PRO B 219 -0.66 14.59 4.30
N VAL B 220 0.62 14.78 4.64
CA VAL B 220 0.99 15.86 5.57
C VAL B 220 1.96 16.70 4.81
N PRO B 221 1.91 18.01 5.02
CA PRO B 221 2.84 18.87 4.29
C PRO B 221 4.25 18.71 4.78
N GLY B 222 5.21 18.78 3.86
CA GLY B 222 6.61 18.87 4.21
C GLY B 222 7.48 17.83 3.52
N PRO B 223 7.28 16.54 3.82
CA PRO B 223 8.18 15.49 3.23
C PRO B 223 8.20 15.36 1.72
N VAL B 224 7.06 15.54 1.07
CA VAL B 224 7.03 15.51 -0.41
C VAL B 224 6.38 16.85 -0.88
N PRO B 225 7.19 17.89 -1.13
CA PRO B 225 6.65 19.24 -1.39
C PRO B 225 5.70 19.39 -2.58
N THR B 226 5.74 18.46 -3.50
CA THR B 226 4.84 18.40 -4.63
C THR B 226 3.47 17.75 -4.32
N SER B 227 3.29 17.14 -3.15
CA SER B 227 2.01 16.44 -2.85
C SER B 227 0.91 17.46 -2.56
N PRO B 228 -0.37 17.07 -2.71
CA PRO B 228 -1.47 18.04 -2.51
C PRO B 228 -1.56 18.67 -1.12
N ALA B 229 -1.06 17.98 -0.07
CA ALA B 229 -1.07 18.56 1.30
C ALA B 229 -0.33 19.89 1.33
N ASN B 230 0.64 20.09 0.43
CA ASN B 230 1.38 21.33 0.42
C ASN B 230 0.64 22.42 -0.38
N ASN B 231 -0.49 22.10 -0.99
CA ASN B 231 -1.15 23.06 -1.80
C ASN B 231 -2.62 23.04 -1.51
N ASP B 232 -2.96 23.13 -0.22
CA ASP B 232 -4.34 23.13 0.25
C ASP B 232 -5.24 21.98 -0.23
N PHE B 233 -4.64 20.82 -0.48
CA PHE B 233 -5.34 19.67 -1.04
C PHE B 233 -6.14 19.93 -2.34
N LYS B 234 -5.61 20.78 -3.19
CA LYS B 234 -6.14 20.91 -4.56
C LYS B 234 -5.83 19.58 -5.29
N PRO B 235 -6.83 19.00 -6.00
CA PRO B 235 -6.54 17.81 -6.80
C PRO B 235 -5.46 18.09 -7.85
N GLY B 236 -4.61 17.15 -8.26
CA GLY B 236 -4.57 15.77 -7.79
C GLY B 236 -5.72 14.94 -8.30
N PHE B 237 -6.12 13.97 -7.49
CA PHE B 237 -7.20 13.03 -7.77
C PHE B 237 -8.32 13.38 -6.75
N SER B 238 -9.40 13.98 -7.23
CA SER B 238 -10.47 14.49 -6.37
C SER B 238 -11.17 13.35 -5.62
N THR B 239 -11.67 13.68 -4.45
CA THR B 239 -12.51 12.80 -3.66
C THR B 239 -13.74 12.40 -4.46
N ALA B 240 -14.34 13.34 -5.20
CA ALA B 240 -15.49 13.01 -6.06
C ALA B 240 -15.12 11.85 -7.01
N LEU B 241 -14.01 11.94 -7.68
CA LEU B 241 -13.63 10.86 -8.58
C LEU B 241 -13.31 9.56 -7.85
N MET B 242 -12.57 9.62 -6.73
CA MET B 242 -12.27 8.40 -5.97
C MET B 242 -13.55 7.76 -5.48
N ASN B 243 -14.47 8.61 -5.00
CA ASN B 243 -15.77 8.11 -4.56
C ASN B 243 -16.57 7.45 -5.71
N LYS B 244 -16.48 8.00 -6.92
CA LYS B 244 -17.06 7.32 -8.09
C LYS B 244 -16.44 5.94 -8.36
N ASP B 245 -15.12 5.86 -8.29
CA ASP B 245 -14.42 4.59 -8.62
C ASP B 245 -14.75 3.53 -7.57
N LEU B 246 -14.88 3.97 -6.32
CA LEU B 246 -15.22 3.11 -5.21
C LEU B 246 -16.67 2.61 -5.31
N GLY B 247 -17.57 3.46 -5.76
CA GLY B 247 -18.95 3.03 -6.11
C GLY B 247 -18.94 1.93 -7.16
N LEU B 248 -18.08 2.07 -8.16
CA LEU B 248 -17.91 1.01 -9.16
C LEU B 248 -17.27 -0.22 -8.57
N ALA B 249 -16.31 -0.06 -7.66
CA ALA B 249 -15.76 -1.25 -6.99
C ALA B 249 -16.85 -1.97 -6.17
N MET B 250 -17.67 -1.21 -5.47
CA MET B 250 -18.74 -1.82 -4.68
C MET B 250 -19.77 -2.49 -5.60
N ASP B 251 -20.08 -1.87 -6.77
N ASP B 251 -20.05 -1.86 -6.76
CA ASP B 251 -20.90 -2.53 -7.77
CA ASP B 251 -20.86 -2.47 -7.79
C ASP B 251 -20.28 -3.86 -8.18
C ASP B 251 -20.29 -3.82 -8.21
N ALA B 252 -18.98 -3.90 -8.44
CA ALA B 252 -18.31 -5.15 -8.78
C ALA B 252 -18.38 -6.25 -7.65
N VAL B 253 -18.24 -5.81 -6.40
CA VAL B 253 -18.29 -6.67 -5.23
C VAL B 253 -19.70 -7.25 -5.17
N ALA B 254 -20.71 -6.40 -5.27
CA ALA B 254 -22.09 -6.84 -5.26
C ALA B 254 -22.42 -7.77 -6.42
N ALA B 255 -21.91 -7.52 -7.61
CA ALA B 255 -22.24 -8.36 -8.75
C ALA B 255 -21.57 -9.74 -8.62
N THR B 256 -20.47 -9.84 -7.91
CA THR B 256 -19.72 -11.08 -7.75
C THR B 256 -19.97 -11.82 -6.43
N GLY B 257 -20.58 -11.17 -5.44
CA GLY B 257 -20.63 -11.71 -4.08
C GLY B 257 -19.26 -11.84 -3.41
N ALA B 258 -18.30 -11.02 -3.85
CA ALA B 258 -16.96 -11.07 -3.30
C ALA B 258 -17.01 -10.41 -1.92
N THR B 259 -16.03 -10.71 -1.08
CA THR B 259 -15.97 -10.14 0.23
C THR B 259 -14.73 -9.27 0.16
N ALA B 260 -14.92 -7.98 0.45
CA ALA B 260 -13.88 -6.94 0.44
C ALA B 260 -14.06 -6.06 1.70
N PRO B 261 -13.71 -6.60 2.88
CA PRO B 261 -14.00 -5.87 4.08
C PRO B 261 -13.34 -4.49 4.17
N LEU B 262 -12.05 -4.37 3.86
CA LEU B 262 -11.40 -3.05 3.95
C LEU B 262 -11.76 -2.20 2.76
N GLY B 263 -11.86 -2.81 1.59
CA GLY B 263 -12.34 -2.05 0.41
C GLY B 263 -13.70 -1.42 0.60
N SER B 264 -14.68 -2.15 1.16
CA SER B 264 -16.02 -1.61 1.42
C SER B 264 -16.02 -0.59 2.59
N HIS B 265 -15.15 -0.81 3.58
CA HIS B 265 -14.98 0.16 4.65
C HIS B 265 -14.43 1.49 4.10
N ALA B 266 -13.46 1.40 3.18
CA ALA B 266 -12.94 2.60 2.56
C ALA B 266 -13.95 3.33 1.68
N ALA B 267 -14.76 2.55 0.93
CA ALA B 267 -15.87 3.12 0.13
C ALA B 267 -16.82 3.89 1.02
N ASP B 268 -17.12 3.32 2.19
CA ASP B 268 -18.02 3.98 3.12
C ASP B 268 -17.40 5.28 3.68
N ILE B 269 -16.11 5.24 4.04
CA ILE B 269 -15.39 6.44 4.48
C ILE B 269 -15.40 7.52 3.40
N TYR B 270 -15.07 7.13 2.17
CA TYR B 270 -15.02 8.13 1.10
C TYR B 270 -16.40 8.70 0.67
N ALA B 271 -17.45 7.91 0.77
CA ALA B 271 -18.78 8.40 0.45
C ALA B 271 -19.17 9.47 1.47
N LYS B 272 -18.80 9.31 2.73
CA LYS B 272 -19.10 10.35 3.70
C LYS B 272 -18.28 11.57 3.49
N PHE B 273 -16.99 11.39 3.22
CA PHE B 273 -16.08 12.52 3.00
C PHE B 273 -16.48 13.29 1.74
N ALA B 274 -16.99 12.60 0.71
CA ALA B 274 -17.44 13.24 -0.53
C ALA B 274 -18.62 14.23 -0.37
N ALA B 275 -19.51 13.97 0.57
CA ALA B 275 -20.65 14.83 0.85
C ALA B 275 -20.21 16.29 1.05
N ASP B 276 -19.15 16.51 1.84
CA ASP B 276 -18.67 17.88 2.02
C ASP B 276 -17.35 18.27 1.37
N HIS B 277 -16.55 17.30 0.92
CA HIS B 277 -15.21 17.60 0.44
C HIS B 277 -14.95 16.95 -0.87
N ALA B 278 -15.98 16.90 -1.73
CA ALA B 278 -15.83 16.23 -3.04
C ALA B 278 -14.75 16.90 -3.88
N ASP B 279 -14.55 18.20 -3.64
CA ASP B 279 -13.59 19.04 -4.33
C ASP B 279 -12.13 18.92 -3.86
N LEU B 280 -11.87 18.30 -2.70
CA LEU B 280 -10.48 18.18 -2.22
C LEU B 280 -9.83 16.90 -2.75
N ASP B 281 -8.51 16.93 -2.92
CA ASP B 281 -7.76 15.70 -3.24
C ASP B 281 -8.13 14.62 -2.23
N PHE B 282 -8.22 13.39 -2.71
CA PHE B 282 -8.63 12.26 -1.85
C PHE B 282 -7.71 11.98 -0.65
N SER B 283 -6.48 12.49 -0.69
CA SER B 283 -5.56 12.46 0.47
C SER B 283 -6.05 13.29 1.66
N ALA B 284 -6.94 14.26 1.41
CA ALA B 284 -7.54 15.07 2.44
C ALA B 284 -8.44 14.33 3.44
N VAL B 285 -8.77 13.07 3.17
CA VAL B 285 -9.44 12.23 4.17
C VAL B 285 -8.73 12.20 5.56
N ILE B 286 -7.44 12.52 5.58
CA ILE B 286 -6.68 12.69 6.82
C ILE B 286 -7.38 13.64 7.82
N HIS B 287 -8.09 14.65 7.31
CA HIS B 287 -8.87 15.59 8.13
C HIS B 287 -9.89 14.93 9.04
N THR B 288 -10.54 13.89 8.54
CA THR B 288 -11.50 13.15 9.30
C THR B 288 -10.90 12.40 10.50
N LEU B 289 -9.57 12.18 10.49
CA LEU B 289 -8.90 11.48 11.58
C LEU B 289 -8.32 12.37 12.68
N ARG B 290 -8.43 13.69 12.51
CA ARG B 290 -7.96 14.60 13.54
C ARG B 290 -9.11 15.27 14.23
N ALA B 291 -9.07 15.27 15.57
CA ALA B 291 -10.13 15.89 16.39
C ALA B 291 -9.88 17.39 16.44
#